data_9J4O
#
_entry.id   9J4O
#
_cell.length_a   46.190
_cell.length_b   37.200
_cell.length_c   81.990
_cell.angle_alpha   90.00
_cell.angle_beta   99.45
_cell.angle_gamma   90.00
#
_symmetry.space_group_name_H-M   'P 1 21 1'
#
loop_
_entity.id
_entity.type
_entity.pdbx_description
1 polymer 'Leucine tRNA_UAA (89-MER)'
2 non-polymer SPERMINE
#
_entity_poly.entity_id   1
_entity_poly.type   'polyribonucleotide'
_entity_poly.pdbx_seq_one_letter_code
;GCCGGGGUGGUGGAAUUGGCAGACACACAGGACUUAAAAUCCUGCGGUAGGUGACUACCGUGCCGGUUCAAGUCCGGCCC
UCGGCACCA
;
_entity_poly.pdbx_strand_id   A
#
loop_
_chem_comp.id
_chem_comp.type
_chem_comp.name
_chem_comp.formula
A RNA linking ADENOSINE-5'-MONOPHOSPHATE 'C10 H14 N5 O7 P'
C RNA linking CYTIDINE-5'-MONOPHOSPHATE 'C9 H14 N3 O8 P'
G RNA linking GUANOSINE-5'-MONOPHOSPHATE 'C10 H14 N5 O8 P'
SPM non-polymer SPERMINE 'C10 H26 N4'
U RNA linking URIDINE-5'-MONOPHOSPHATE 'C9 H13 N2 O9 P'
#
# COMPACT_ATOMS: atom_id res chain seq x y z
N1 SPM B . 6.77 -0.08 3.96
C2 SPM B . 5.86 0.47 2.94
C3 SPM B . 4.47 -0.11 2.99
C4 SPM B . 3.56 0.46 1.91
N5 SPM B . 2.30 -0.26 1.80
C6 SPM B . 1.19 0.47 1.19
C7 SPM B . 0.74 -0.15 -0.13
C8 SPM B . -0.74 0.12 -0.41
C9 SPM B . -1.15 -0.07 -1.85
N10 SPM B . -2.55 0.32 -2.01
C11 SPM B . -3.27 -0.15 -3.19
C12 SPM B . -4.76 0.14 -3.06
C13 SPM B . -5.50 -0.79 -2.13
N14 SPM B . -6.91 -0.37 -2.00
#